data_5RZF
#
_entry.id   5RZF
#
_cell.length_a   38.550
_cell.length_b   77.550
_cell.length_c   99.520
_cell.angle_alpha   90.000
_cell.angle_beta   90.000
_cell.angle_gamma   90.000
#
_symmetry.space_group_name_H-M   'P 21 21 21'
#
loop_
_entity.id
_entity.type
_entity.pdbx_description
1 polymer 'Isoform 2 of Band 4.1-like protein 3'
2 non-polymer N-(2-hydroxyphenyl)acetamide
3 non-polymer 'DIMETHYL SULFOXIDE'
4 non-polymer 1,2-ETHANEDIOL
5 water water
#
_entity_poly.entity_id   1
_entity_poly.type   'polypeptide(L)'
_entity_poly.pdbx_seq_one_letter_code
;SMPKSMQCKVILLDGSEYTCDVEKRSRGQVLFDKVCEHLNLLEKDYFGLTYRDAENQKNWLDPAKEIKKQVRSGAWHFSF
NVKFYPPDPAQLSEDITRYYLCLQLRDDIVSGRLPCSFVTLALLGSYTVQSELGDYDPDECGSDYISEFRFAPNHTKELE
DKVIELHKSHRGMTPAEAEMHFLENAKKLSMYGVDLHHAKDSEGVEIMLGVCASGLLIYRDRLRINRFAWPKVLKISYKR
NNFYIKIRPGEFEQFESTIGFKLPNHRAAKRLWKVCVEHHTFFRLL
;
_entity_poly.pdbx_strand_id   A
#
loop_
_chem_comp.id
_chem_comp.type
_chem_comp.name
_chem_comp.formula
9KS non-polymer N-(2-hydroxyphenyl)acetamide 'C8 H9 N O2'
DMS non-polymer 'DIMETHYL SULFOXIDE' 'C2 H6 O S'
EDO non-polymer 1,2-ETHANEDIOL 'C2 H6 O2'
#
# COMPACT_ATOMS: atom_id res chain seq x y z
N PRO A 3 29.17 17.98 -12.94
CA PRO A 3 27.77 17.72 -12.58
C PRO A 3 27.66 16.84 -11.32
N LYS A 4 27.33 17.44 -10.18
CA LYS A 4 27.41 16.74 -8.87
C LYS A 4 26.23 15.78 -8.70
N SER A 5 26.52 14.55 -8.29
N SER A 5 26.55 14.54 -8.33
CA SER A 5 25.52 13.47 -8.14
CA SER A 5 25.59 13.44 -8.08
C SER A 5 25.44 13.01 -6.67
C SER A 5 25.37 13.29 -6.58
N MET A 6 24.22 12.73 -6.19
CA MET A 6 23.94 12.28 -4.81
C MET A 6 23.68 10.78 -4.86
N GLN A 7 24.19 10.05 -3.88
CA GLN A 7 23.94 8.62 -3.75
C GLN A 7 22.52 8.41 -3.20
N CYS A 8 21.75 7.51 -3.80
CA CYS A 8 20.38 7.17 -3.34
C CYS A 8 20.36 5.71 -2.93
N LYS A 9 19.74 5.41 -1.80
CA LYS A 9 19.55 4.03 -1.32
C LYS A 9 18.05 3.75 -1.24
N VAL A 10 17.63 2.65 -1.88
CA VAL A 10 16.20 2.30 -2.01
C VAL A 10 16.02 0.93 -1.45
N ILE A 11 15.16 0.78 -0.45
CA ILE A 11 14.73 -0.54 0.08
C ILE A 11 13.67 -1.09 -0.90
N LEU A 12 13.99 -2.21 -1.53
CA LEU A 12 13.11 -2.93 -2.47
C LEU A 12 12.16 -3.82 -1.68
N LEU A 13 11.10 -4.28 -2.35
CA LEU A 13 9.99 -4.99 -1.68
C LEU A 13 10.44 -6.37 -1.19
N ASP A 14 11.54 -6.92 -1.72
CA ASP A 14 12.12 -8.19 -1.20
C ASP A 14 13.07 -7.92 -0.03
N GLY A 15 13.15 -6.68 0.45
CA GLY A 15 14.01 -6.29 1.61
C GLY A 15 15.45 -5.98 1.21
N SER A 16 15.83 -6.16 -0.05
CA SER A 16 17.20 -5.83 -0.53
C SER A 16 17.28 -4.32 -0.78
N GLU A 17 18.52 -3.84 -0.91
CA GLU A 17 18.88 -2.40 -1.06
C GLU A 17 19.42 -2.18 -2.47
N TYR A 18 18.84 -1.23 -3.20
CA TYR A 18 19.38 -0.77 -4.49
C TYR A 18 20.02 0.60 -4.27
N THR A 19 21.23 0.79 -4.81
CA THR A 19 22.02 2.03 -4.68
C THR A 19 22.25 2.57 -6.09
N CYS A 20 21.96 3.83 -6.31
CA CYS A 20 22.31 4.51 -7.57
C CYS A 20 22.64 5.97 -7.27
N ASP A 21 23.03 6.71 -8.30
CA ASP A 21 23.38 8.13 -8.20
C ASP A 21 22.46 8.88 -9.14
N VAL A 22 22.05 10.08 -8.75
CA VAL A 22 21.32 11.03 -9.62
C VAL A 22 21.96 12.40 -9.42
N GLU A 23 21.93 13.26 -10.45
CA GLU A 23 22.35 14.66 -10.32
C GLU A 23 21.57 15.25 -9.12
N LYS A 24 22.20 16.12 -8.33
CA LYS A 24 21.63 16.58 -7.02
C LYS A 24 20.35 17.42 -7.22
N ARG A 25 20.11 18.04 -8.38
CA ARG A 25 18.87 18.81 -8.64
C ARG A 25 17.80 17.92 -9.32
N SER A 26 18.02 16.62 -9.38
CA SER A 26 17.09 15.65 -10.02
C SER A 26 15.68 15.72 -9.42
N ARG A 27 14.68 15.56 -10.28
CA ARG A 27 13.27 15.34 -9.88
C ARG A 27 13.10 13.87 -9.47
N GLY A 28 12.07 13.59 -8.68
CA GLY A 28 11.82 12.23 -8.16
C GLY A 28 11.66 11.23 -9.29
N GLN A 29 11.05 11.64 -10.41
CA GLN A 29 10.83 10.74 -11.57
C GLN A 29 12.15 10.11 -12.01
N VAL A 30 13.25 10.87 -11.97
CA VAL A 30 14.59 10.36 -12.43
C VAL A 30 14.94 9.10 -11.65
N LEU A 31 14.91 9.17 -10.32
CA LEU A 31 15.26 8.02 -9.43
C LEU A 31 14.24 6.89 -9.61
N PHE A 32 12.97 7.22 -9.64
CA PHE A 32 11.91 6.22 -9.84
C PHE A 32 12.16 5.43 -11.14
N ASP A 33 12.47 6.12 -12.25
CA ASP A 33 12.74 5.44 -13.56
C ASP A 33 13.91 4.47 -13.38
N LYS A 34 14.97 4.86 -12.67
CA LYS A 34 16.14 3.98 -12.44
C LYS A 34 15.74 2.74 -11.64
N VAL A 35 14.91 2.91 -10.61
CA VAL A 35 14.47 1.77 -9.75
C VAL A 35 13.59 0.83 -10.60
N CYS A 36 12.65 1.39 -11.32
CA CYS A 36 11.73 0.60 -12.15
C CYS A 36 12.51 -0.16 -13.23
N GLU A 37 13.49 0.47 -13.87
CA GLU A 37 14.33 -0.24 -14.87
C GLU A 37 15.04 -1.40 -14.18
N HIS A 38 15.69 -1.15 -13.05
CA HIS A 38 16.34 -2.21 -12.24
C HIS A 38 15.35 -3.35 -11.99
N LEU A 39 14.08 -3.05 -11.71
CA LEU A 39 13.09 -4.07 -11.31
C LEU A 39 12.47 -4.73 -12.56
N ASN A 40 12.78 -4.28 -13.77
CA ASN A 40 12.12 -4.73 -15.05
C ASN A 40 10.61 -4.47 -14.98
N LEU A 41 10.23 -3.34 -14.41
CA LEU A 41 8.82 -2.99 -14.17
C LEU A 41 8.38 -1.99 -15.24
N LEU A 42 7.32 -2.34 -15.99
CA LEU A 42 6.74 -1.49 -17.05
C LEU A 42 5.45 -0.84 -16.57
N GLU A 43 4.65 -1.56 -15.80
CA GLU A 43 3.38 -1.01 -15.28
C GLU A 43 3.70 -0.17 -14.04
N LYS A 44 4.37 0.96 -14.24
CA LYS A 44 4.95 1.77 -13.13
C LYS A 44 3.90 2.64 -12.41
N ASP A 45 2.76 2.89 -13.04
CA ASP A 45 1.72 3.85 -12.59
C ASP A 45 1.19 3.49 -11.19
N TYR A 46 1.24 2.22 -10.79
CA TYR A 46 0.71 1.76 -9.48
C TYR A 46 1.71 2.00 -8.35
N PHE A 47 2.94 2.41 -8.66
CA PHE A 47 4.04 2.37 -7.66
C PHE A 47 4.61 3.77 -7.42
N GLY A 48 5.42 3.89 -6.39
CA GLY A 48 6.12 5.13 -6.05
C GLY A 48 7.21 4.85 -5.06
N LEU A 49 7.91 5.90 -4.68
CA LEU A 49 8.97 5.88 -3.66
C LEU A 49 8.48 6.69 -2.47
N THR A 50 8.77 6.19 -1.28
CA THR A 50 8.50 6.87 -0.01
C THR A 50 9.83 7.22 0.62
N TYR A 51 9.80 8.26 1.44
CA TYR A 51 10.90 8.65 2.32
C TYR A 51 10.28 8.99 3.69
N ARG A 52 11.13 9.06 4.70
CA ARG A 52 10.76 9.38 6.10
C ARG A 52 11.17 10.82 6.34
N ASP A 53 10.25 11.66 6.79
CA ASP A 53 10.51 13.12 6.95
C ASP A 53 11.13 13.35 8.31
N ALA A 54 11.38 14.65 8.59
CA ALA A 54 12.02 15.16 9.82
C ALA A 54 11.16 14.80 11.03
N GLU A 55 9.84 14.61 10.82
CA GLU A 55 8.88 14.14 11.87
C GLU A 55 8.84 12.59 11.91
N ASN A 56 9.58 11.91 11.02
CA ASN A 56 9.63 10.42 10.82
C ASN A 56 8.33 9.85 10.20
N GLN A 57 7.54 10.66 9.49
CA GLN A 57 6.31 10.15 8.82
C GLN A 57 6.73 9.69 7.40
N LYS A 58 6.08 8.64 6.91
CA LYS A 58 6.13 8.23 5.48
C LYS A 58 5.51 9.33 4.63
N ASN A 59 6.28 9.77 3.64
CA ASN A 59 5.82 10.72 2.60
C ASN A 59 6.04 10.05 1.25
N TRP A 60 5.15 10.31 0.29
CA TRP A 60 5.40 9.94 -1.13
C TRP A 60 6.38 10.93 -1.75
N LEU A 61 7.42 10.43 -2.41
CA LEU A 61 8.34 11.28 -3.20
C LEU A 61 7.55 11.75 -4.43
N ASP A 62 7.37 13.06 -4.57
CA ASP A 62 6.64 13.59 -5.74
C ASP A 62 7.57 13.53 -6.93
N PRO A 63 7.19 12.77 -7.98
CA PRO A 63 8.08 12.59 -9.13
C PRO A 63 8.34 13.87 -9.93
N ALA A 64 7.44 14.84 -9.80
CA ALA A 64 7.50 16.14 -10.51
C ALA A 64 8.40 17.16 -9.81
N LYS A 65 8.73 16.98 -8.53
CA LYS A 65 9.54 17.98 -7.80
C LYS A 65 10.97 17.49 -7.51
N GLU A 66 11.86 18.42 -7.23
CA GLU A 66 13.26 18.08 -6.90
C GLU A 66 13.26 17.17 -5.67
N ILE A 67 14.07 16.13 -5.73
CA ILE A 67 14.31 15.23 -4.56
C ILE A 67 14.79 16.06 -3.37
N LYS A 68 15.76 16.95 -3.58
CA LYS A 68 16.39 17.70 -2.47
C LYS A 68 15.34 18.59 -1.77
N LYS A 69 14.33 19.09 -2.46
CA LYS A 69 13.30 19.97 -1.84
C LYS A 69 12.24 19.16 -1.09
N GLN A 70 12.32 17.84 -1.16
CA GLN A 70 11.41 16.94 -0.42
C GLN A 70 12.17 16.33 0.75
N VAL A 71 13.32 15.72 0.53
CA VAL A 71 14.06 15.04 1.64
C VAL A 71 14.69 16.13 2.55
N ARG A 72 14.95 17.31 1.99
CA ARG A 72 15.37 18.55 2.71
C ARG A 72 16.60 18.20 3.53
N SER A 73 16.49 18.06 4.85
CA SER A 73 17.64 17.86 5.76
C SER A 73 17.96 16.37 5.90
N GLY A 74 17.05 15.49 5.45
CA GLY A 74 17.15 14.03 5.64
C GLY A 74 18.06 13.35 4.62
N ALA A 75 18.39 12.10 4.91
CA ALA A 75 19.19 11.19 4.09
C ALA A 75 18.41 10.89 2.81
N TRP A 76 19.13 10.60 1.75
CA TRP A 76 18.52 10.22 0.46
C TRP A 76 18.28 8.70 0.51
N HIS A 77 17.38 8.31 1.40
CA HIS A 77 17.02 6.91 1.68
C HIS A 77 15.52 6.79 1.39
N PHE A 78 15.15 5.78 0.63
CA PHE A 78 13.77 5.64 0.11
C PHE A 78 13.33 4.19 0.25
N SER A 79 12.02 3.96 0.15
CA SER A 79 11.46 2.60 -0.09
C SER A 79 10.69 2.62 -1.39
N PHE A 80 10.68 1.50 -2.09
CA PHE A 80 9.83 1.26 -3.27
C PHE A 80 8.53 0.60 -2.79
N ASN A 81 7.39 1.17 -3.14
CA ASN A 81 6.07 0.73 -2.60
C ASN A 81 4.97 0.82 -3.65
N VAL A 82 3.94 0.04 -3.38
CA VAL A 82 2.66 0.20 -4.13
C VAL A 82 2.01 1.49 -3.62
N LYS A 83 1.63 2.37 -4.54
CA LYS A 83 0.94 3.64 -4.24
C LYS A 83 -0.56 3.47 -4.47
N PHE A 84 -0.94 2.89 -5.60
CA PHE A 84 -2.36 2.68 -5.98
C PHE A 84 -2.61 1.18 -6.13
N TYR A 85 -3.33 0.60 -5.17
CA TYR A 85 -3.60 -0.86 -5.16
C TYR A 85 -4.72 -1.14 -6.16
N PRO A 86 -4.46 -1.90 -7.23
CA PRO A 86 -5.51 -2.14 -8.23
C PRO A 86 -6.66 -2.95 -7.65
N PRO A 87 -7.92 -2.52 -7.83
CA PRO A 87 -9.06 -3.28 -7.33
C PRO A 87 -9.16 -4.65 -8.02
N ASP A 88 -8.66 -4.76 -9.24
CA ASP A 88 -8.71 -6.06 -9.96
C ASP A 88 -7.35 -6.38 -10.53
N PRO A 89 -6.47 -7.02 -9.73
CA PRO A 89 -5.11 -7.30 -10.18
C PRO A 89 -5.06 -8.21 -11.40
N ALA A 90 -6.09 -9.01 -11.67
CA ALA A 90 -6.15 -9.88 -12.87
C ALA A 90 -6.07 -9.03 -14.13
N GLN A 91 -6.44 -7.75 -14.07
CA GLN A 91 -6.44 -6.90 -15.29
C GLN A 91 -5.11 -6.22 -15.49
N LEU A 92 -4.14 -6.36 -14.58
CA LEU A 92 -2.78 -5.87 -14.87
C LEU A 92 -2.22 -6.67 -16.06
N SER A 93 -1.43 -6.04 -16.90
CA SER A 93 -0.99 -6.70 -18.15
C SER A 93 0.17 -7.67 -17.89
N GLU A 94 0.98 -7.48 -16.83
CA GLU A 94 2.19 -8.31 -16.65
C GLU A 94 2.18 -9.03 -15.30
N ASP A 95 2.69 -10.26 -15.34
CA ASP A 95 2.89 -11.10 -14.16
C ASP A 95 3.87 -10.38 -13.23
N ILE A 96 4.88 -9.68 -13.74
CA ILE A 96 5.93 -9.10 -12.85
C ILE A 96 5.27 -8.00 -12.02
N THR A 97 4.26 -7.31 -12.57
CA THR A 97 3.49 -6.30 -11.82
C THR A 97 2.82 -6.99 -10.65
N ARG A 98 2.15 -8.11 -10.93
CA ARG A 98 1.36 -8.82 -9.89
C ARG A 98 2.33 -9.34 -8.82
N TYR A 99 3.53 -9.73 -9.23
CA TYR A 99 4.61 -10.19 -8.32
C TYR A 99 4.97 -9.09 -7.31
N TYR A 100 5.31 -7.89 -7.74
CA TYR A 100 5.65 -6.78 -6.82
C TYR A 100 4.43 -6.46 -5.94
N LEU A 101 3.22 -6.50 -6.52
CA LEU A 101 1.99 -6.25 -5.70
C LEU A 101 1.89 -7.31 -4.59
N CYS A 102 2.21 -8.59 -4.87
CA CYS A 102 2.21 -9.66 -3.85
C CYS A 102 3.26 -9.33 -2.77
N LEU A 103 4.46 -8.92 -3.18
CA LEU A 103 5.51 -8.61 -2.18
C LEU A 103 5.00 -7.49 -1.26
N GLN A 104 4.39 -6.44 -1.80
CA GLN A 104 3.91 -5.33 -0.96
C GLN A 104 2.86 -5.87 0.02
N LEU A 105 1.93 -6.66 -0.49
CA LEU A 105 0.83 -7.18 0.33
C LEU A 105 1.36 -8.09 1.44
N ARG A 106 2.39 -8.88 1.18
CA ARG A 106 3.00 -9.74 2.22
C ARG A 106 3.48 -8.85 3.37
N ASP A 107 4.05 -7.68 3.05
CA ASP A 107 4.52 -6.73 4.08
C ASP A 107 3.31 -6.08 4.75
N ASP A 108 2.30 -5.75 3.99
CA ASP A 108 1.06 -5.18 4.56
C ASP A 108 0.51 -6.15 5.61
N ILE A 109 0.59 -7.45 5.35
CA ILE A 109 0.03 -8.48 6.24
C ILE A 109 0.94 -8.63 7.46
N VAL A 110 2.23 -8.84 7.28
CA VAL A 110 3.18 -9.15 8.39
C VAL A 110 3.16 -7.96 9.35
N SER A 111 3.04 -6.75 8.79
CA SER A 111 3.09 -5.47 9.53
C SER A 111 1.83 -5.29 10.38
N GLY A 112 0.73 -5.93 10.00
CA GLY A 112 -0.60 -5.74 10.61
C GLY A 112 -1.37 -4.58 10.01
N ARG A 113 -0.86 -3.93 8.96
CA ARG A 113 -1.62 -2.88 8.22
C ARG A 113 -2.82 -3.50 7.51
N LEU A 114 -2.73 -4.79 7.15
CA LEU A 114 -3.84 -5.48 6.44
C LEU A 114 -4.31 -6.65 7.29
N PRO A 115 -5.33 -6.44 8.16
CA PRO A 115 -5.81 -7.50 9.02
C PRO A 115 -6.40 -8.62 8.18
N CYS A 116 -6.34 -9.83 8.72
N CYS A 116 -6.12 -9.86 8.60
CA CYS A 116 -6.58 -11.08 7.98
CA CYS A 116 -6.61 -11.12 7.99
C CYS A 116 -6.95 -12.19 8.97
C CYS A 116 -7.10 -12.07 9.07
N SER A 117 -8.02 -12.94 8.71
CA SER A 117 -8.42 -14.12 9.52
C SER A 117 -7.28 -15.14 9.45
N PHE A 118 -7.24 -16.01 10.43
CA PHE A 118 -6.37 -17.19 10.48
C PHE A 118 -6.39 -17.93 9.15
N VAL A 119 -7.59 -18.29 8.67
CA VAL A 119 -7.69 -19.12 7.45
C VAL A 119 -7.12 -18.33 6.25
N THR A 120 -7.39 -17.05 6.13
CA THR A 120 -6.85 -16.25 5.01
C THR A 120 -5.33 -16.08 5.15
N LEU A 121 -4.82 -15.88 6.36
CA LEU A 121 -3.34 -15.87 6.56
C LEU A 121 -2.74 -17.17 6.02
N ALA A 122 -3.30 -18.32 6.37
CA ALA A 122 -2.77 -19.65 5.95
C ALA A 122 -2.91 -19.80 4.43
N LEU A 123 -4.04 -19.40 3.85
CA LEU A 123 -4.25 -19.56 2.39
C LEU A 123 -3.25 -18.69 1.62
N LEU A 124 -3.16 -17.41 1.96
CA LEU A 124 -2.18 -16.46 1.37
C LEU A 124 -0.75 -17.03 1.55
N GLY A 125 -0.41 -17.48 2.75
CA GLY A 125 0.92 -18.05 2.99
C GLY A 125 1.15 -19.26 2.08
N SER A 126 0.14 -20.13 1.92
CA SER A 126 0.28 -21.36 1.08
C SER A 126 0.57 -20.99 -0.38
N TYR A 127 -0.04 -19.94 -0.90
CA TYR A 127 0.19 -19.49 -2.29
C TYR A 127 1.62 -18.92 -2.39
N THR A 128 2.04 -18.13 -1.43
CA THR A 128 3.44 -17.61 -1.39
C THR A 128 4.41 -18.79 -1.46
N VAL A 129 4.23 -19.78 -0.59
CA VAL A 129 5.16 -20.94 -0.55
C VAL A 129 5.14 -21.61 -1.92
N GLN A 130 3.96 -21.85 -2.48
CA GLN A 130 3.85 -22.53 -3.80
C GLN A 130 4.64 -21.73 -4.83
N SER A 131 4.42 -20.41 -4.89
N SER A 131 4.46 -20.40 -4.83
CA SER A 131 5.14 -19.50 -5.81
CA SER A 131 5.11 -19.45 -5.78
C SER A 131 6.65 -19.61 -5.55
C SER A 131 6.62 -19.37 -5.53
N GLU A 132 7.07 -19.52 -4.28
CA GLU A 132 8.52 -19.38 -3.93
C GLU A 132 9.25 -20.73 -4.00
N LEU A 133 8.67 -21.82 -3.50
CA LEU A 133 9.35 -23.13 -3.43
C LEU A 133 8.77 -24.12 -4.46
N GLY A 134 7.62 -23.85 -5.06
CA GLY A 134 7.02 -24.90 -5.92
C GLY A 134 6.26 -25.93 -5.11
N ASP A 135 6.14 -27.16 -5.62
CA ASP A 135 5.23 -28.20 -5.10
C ASP A 135 5.67 -28.62 -3.70
N TYR A 136 4.70 -28.94 -2.85
CA TYR A 136 4.93 -29.45 -1.49
C TYR A 136 5.92 -30.62 -1.59
N ASP A 137 6.90 -30.62 -0.68
CA ASP A 137 7.93 -31.67 -0.51
C ASP A 137 8.02 -32.03 0.97
N PRO A 138 7.62 -33.26 1.36
CA PRO A 138 7.78 -33.71 2.75
C PRO A 138 9.21 -33.73 3.32
N ASP A 139 10.22 -33.75 2.44
CA ASP A 139 11.66 -33.83 2.80
C ASP A 139 12.06 -32.62 3.63
N GLU A 140 11.51 -31.43 3.32
CA GLU A 140 11.84 -30.14 3.98
C GLU A 140 10.82 -29.86 5.09
N CYS A 141 9.82 -30.73 5.25
CA CYS A 141 8.65 -30.54 6.14
C CYS A 141 8.41 -31.78 7.01
N GLY A 142 8.93 -31.75 8.23
CA GLY A 142 8.58 -32.72 9.31
C GLY A 142 7.42 -32.18 10.11
N SER A 143 6.96 -32.94 11.12
CA SER A 143 5.80 -32.59 11.98
C SER A 143 6.10 -31.31 12.77
N ASP A 144 7.37 -30.87 12.77
CA ASP A 144 7.84 -29.73 13.60
C ASP A 144 8.28 -28.55 12.71
N TYR A 145 7.85 -28.51 11.45
CA TYR A 145 8.33 -27.52 10.43
C TYR A 145 7.86 -26.10 10.79
N ILE A 146 8.78 -25.14 10.64
CA ILE A 146 8.48 -23.67 10.72
C ILE A 146 9.17 -22.99 9.53
N SER A 147 8.39 -22.34 8.66
CA SER A 147 8.82 -21.75 7.38
C SER A 147 9.73 -20.56 7.66
N GLU A 148 10.65 -20.26 6.75
CA GLU A 148 11.43 -19.01 6.83
C GLU A 148 10.50 -17.85 6.48
N PHE A 149 9.39 -18.11 5.77
CA PHE A 149 8.47 -17.06 5.28
C PHE A 149 7.73 -16.56 6.51
N ARG A 150 7.69 -15.25 6.57
CA ARG A 150 6.85 -14.44 7.47
C ARG A 150 5.49 -14.36 6.78
N PHE A 151 4.47 -14.83 7.46
CA PHE A 151 3.07 -14.96 7.01
C PHE A 151 2.14 -14.04 7.78
N ALA A 152 2.51 -13.51 8.94
CA ALA A 152 1.53 -12.90 9.84
C ALA A 152 2.24 -12.05 10.89
N PRO A 153 1.51 -11.11 11.49
CA PRO A 153 2.04 -10.29 12.57
C PRO A 153 2.42 -11.14 13.78
N ASN A 154 1.73 -12.27 14.00
CA ASN A 154 2.10 -13.21 15.08
C ASN A 154 1.95 -14.63 14.54
N HIS A 155 3.04 -15.37 14.56
CA HIS A 155 3.15 -16.73 14.05
C HIS A 155 2.84 -17.73 15.17
N THR A 156 2.11 -18.77 14.82
CA THR A 156 1.80 -19.88 15.75
C THR A 156 2.10 -21.16 15.00
N LYS A 157 2.31 -22.23 15.75
CA LYS A 157 2.56 -23.56 15.14
C LYS A 157 1.32 -23.96 14.35
N GLU A 158 0.12 -23.68 14.87
CA GLU A 158 -1.18 -23.97 14.20
C GLU A 158 -1.19 -23.30 12.81
N LEU A 159 -0.73 -22.05 12.71
CA LEU A 159 -0.74 -21.34 11.41
C LEU A 159 0.25 -22.05 10.46
N GLU A 160 1.44 -22.39 10.95
CA GLU A 160 2.46 -23.09 10.12
C GLU A 160 1.88 -24.38 9.58
N ASP A 161 1.12 -25.11 10.42
CA ASP A 161 0.53 -26.40 10.01
C ASP A 161 -0.50 -26.16 8.91
N LYS A 162 -1.30 -25.10 9.04
CA LYS A 162 -2.41 -24.85 8.10
C LYS A 162 -1.82 -24.42 6.74
N VAL A 163 -0.77 -23.60 6.75
CA VAL A 163 -0.04 -23.25 5.49
C VAL A 163 0.37 -24.55 4.79
N ILE A 164 0.94 -25.51 5.51
CA ILE A 164 1.45 -26.76 4.87
C ILE A 164 0.27 -27.54 4.30
N GLU A 165 -0.79 -27.69 5.11
CA GLU A 165 -1.98 -28.47 4.66
C GLU A 165 -2.48 -27.86 3.34
N LEU A 166 -2.59 -26.53 3.26
CA LEU A 166 -3.11 -25.88 2.03
C LEU A 166 -2.07 -25.97 0.92
N HIS A 167 -0.79 -25.87 1.27
CA HIS A 167 0.29 -25.97 0.25
C HIS A 167 0.19 -27.34 -0.45
N LYS A 168 -0.15 -28.39 0.28
CA LYS A 168 -0.25 -29.72 -0.34
C LYS A 168 -1.29 -29.72 -1.47
N SER A 169 -2.34 -28.91 -1.38
CA SER A 169 -3.47 -28.93 -2.35
C SER A 169 -3.05 -28.19 -3.63
N HIS A 170 -1.91 -27.48 -3.66
CA HIS A 170 -1.56 -26.60 -4.81
C HIS A 170 -0.58 -27.27 -5.79
N ARG A 171 -0.39 -28.59 -5.71
CA ARG A 171 0.57 -29.32 -6.59
C ARG A 171 0.35 -28.95 -8.07
N GLY A 172 1.42 -28.60 -8.78
CA GLY A 172 1.44 -28.29 -10.22
C GLY A 172 1.11 -26.84 -10.50
N MET A 173 0.84 -26.04 -9.47
CA MET A 173 0.57 -24.59 -9.62
C MET A 173 1.87 -23.87 -9.96
N THR A 174 1.86 -23.04 -10.98
CA THR A 174 3.06 -22.25 -11.37
C THR A 174 3.12 -20.97 -10.52
N PRO A 175 4.27 -20.29 -10.47
CA PRO A 175 4.38 -19.08 -9.64
C PRO A 175 3.38 -18.00 -10.04
N ALA A 176 3.18 -17.76 -11.33
CA ALA A 176 2.23 -16.74 -11.84
C ALA A 176 0.81 -17.09 -11.37
N GLU A 177 0.48 -18.37 -11.46
CA GLU A 177 -0.84 -18.91 -11.06
C GLU A 177 -1.06 -18.72 -9.54
N ALA A 178 -0.09 -19.10 -8.70
CA ALA A 178 -0.17 -18.97 -7.23
C ALA A 178 -0.27 -17.47 -6.85
N GLU A 179 0.49 -16.61 -7.53
CA GLU A 179 0.47 -15.15 -7.29
C GLU A 179 -0.92 -14.63 -7.65
N MET A 180 -1.51 -15.08 -8.75
CA MET A 180 -2.86 -14.61 -9.12
C MET A 180 -3.86 -15.04 -8.04
N HIS A 181 -3.81 -16.28 -7.56
CA HIS A 181 -4.68 -16.76 -6.46
C HIS A 181 -4.47 -15.94 -5.18
N PHE A 182 -3.22 -15.63 -4.90
CA PHE A 182 -2.92 -14.81 -3.71
C PHE A 182 -3.74 -13.51 -3.81
N LEU A 183 -3.66 -12.85 -4.97
CA LEU A 183 -4.28 -11.53 -5.19
C LEU A 183 -5.82 -11.60 -5.19
N GLU A 184 -6.40 -12.67 -5.74
CA GLU A 184 -7.87 -12.85 -5.79
C GLU A 184 -8.41 -12.90 -4.37
N ASN A 185 -7.65 -13.50 -3.43
CA ASN A 185 -8.03 -13.53 -2.00
C ASN A 185 -7.72 -12.18 -1.33
N ALA A 186 -6.50 -11.66 -1.48
CA ALA A 186 -6.07 -10.44 -0.75
C ALA A 186 -6.99 -9.27 -1.11
N LYS A 187 -7.36 -9.15 -2.39
CA LYS A 187 -8.12 -7.97 -2.92
C LYS A 187 -9.47 -7.86 -2.22
N LYS A 188 -9.95 -8.91 -1.57
CA LYS A 188 -11.31 -8.93 -0.98
C LYS A 188 -11.27 -8.46 0.47
N LEU A 189 -10.08 -8.36 1.07
CA LEU A 189 -9.97 -8.04 2.51
C LEU A 189 -10.44 -6.59 2.71
N SER A 190 -11.13 -6.34 3.80
CA SER A 190 -11.81 -5.03 3.99
C SER A 190 -10.77 -3.91 4.06
N MET A 191 -9.52 -4.17 4.44
CA MET A 191 -8.50 -3.08 4.48
C MET A 191 -7.55 -3.14 3.29
N TYR A 192 -7.87 -3.89 2.24
CA TYR A 192 -7.00 -3.95 1.04
C TYR A 192 -6.84 -2.56 0.44
N GLY A 193 -5.61 -2.08 0.34
CA GLY A 193 -5.30 -0.82 -0.37
C GLY A 193 -5.77 0.40 0.41
N VAL A 194 -6.11 0.26 1.68
CA VAL A 194 -6.62 1.39 2.50
C VAL A 194 -5.43 2.06 3.16
N ASP A 195 -5.21 3.33 2.84
CA ASP A 195 -4.20 4.19 3.53
C ASP A 195 -4.90 4.87 4.72
N LEU A 196 -4.50 4.57 5.98
CA LEU A 196 -5.16 5.07 7.21
C LEU A 196 -4.47 6.32 7.75
N HIS A 197 -5.26 7.34 8.08
CA HIS A 197 -4.78 8.60 8.70
C HIS A 197 -5.55 8.83 10.01
N HIS A 198 -4.84 8.99 11.13
CA HIS A 198 -5.42 9.46 12.41
C HIS A 198 -5.97 10.89 12.25
N ALA A 199 -7.16 11.13 12.78
CA ALA A 199 -7.82 12.46 12.76
C ALA A 199 -8.82 12.57 13.90
N LYS A 200 -9.33 13.77 14.10
CA LYS A 200 -10.46 14.03 15.02
C LYS A 200 -11.58 14.63 14.20
N ASP A 201 -12.83 14.29 14.55
CA ASP A 201 -14.01 14.84 13.87
C ASP A 201 -14.21 16.26 14.41
N SER A 202 -15.24 16.96 13.91
CA SER A 202 -15.63 18.34 14.30
C SER A 202 -15.98 18.43 15.79
N GLU A 203 -16.19 17.31 16.47
CA GLU A 203 -16.53 17.27 17.92
C GLU A 203 -15.30 16.90 18.76
N GLY A 204 -14.14 16.61 18.13
CA GLY A 204 -12.90 16.24 18.84
C GLY A 204 -12.77 14.74 19.13
N VAL A 205 -13.66 13.89 18.60
CA VAL A 205 -13.63 12.42 18.80
C VAL A 205 -12.61 11.83 17.81
N GLU A 206 -11.72 10.99 18.31
CA GLU A 206 -10.62 10.36 17.52
C GLU A 206 -11.25 9.40 16.52
N ILE A 207 -10.93 9.59 15.25
CA ILE A 207 -11.42 8.74 14.13
C ILE A 207 -10.20 8.32 13.30
N MET A 208 -10.42 7.44 12.34
CA MET A 208 -9.44 7.16 11.28
C MET A 208 -10.11 7.48 9.96
N LEU A 209 -9.37 8.11 9.08
CA LEU A 209 -9.80 8.32 7.68
C LEU A 209 -9.05 7.30 6.80
N GLY A 210 -9.75 6.60 5.92
CA GLY A 210 -9.07 5.63 5.05
C GLY A 210 -9.19 6.13 3.63
N VAL A 211 -8.11 6.06 2.86
CA VAL A 211 -8.09 6.51 1.44
C VAL A 211 -7.88 5.26 0.57
N CYS A 212 -8.74 5.04 -0.41
CA CYS A 212 -8.63 3.84 -1.27
C CYS A 212 -9.27 4.12 -2.62
N ALA A 213 -9.20 3.14 -3.52
CA ALA A 213 -9.74 3.22 -4.89
C ALA A 213 -11.21 3.69 -4.93
N SER A 214 -12.04 3.13 -4.05
CA SER A 214 -13.51 3.34 -4.07
C SER A 214 -13.82 4.75 -3.56
N GLY A 215 -13.11 5.20 -2.52
CA GLY A 215 -13.32 6.57 -2.00
C GLY A 215 -12.69 6.79 -0.65
N LEU A 216 -13.39 7.56 0.17
CA LEU A 216 -12.98 7.93 1.55
C LEU A 216 -13.80 7.10 2.52
N LEU A 217 -13.15 6.60 3.58
CA LEU A 217 -13.86 5.94 4.70
C LEU A 217 -13.58 6.73 5.97
N ILE A 218 -14.61 6.93 6.79
CA ILE A 218 -14.45 7.47 8.16
C ILE A 218 -14.77 6.33 9.12
N TYR A 219 -13.76 5.81 9.80
CA TYR A 219 -13.90 4.73 10.82
C TYR A 219 -14.12 5.38 12.19
N ARG A 220 -15.38 5.44 12.65
CA ARG A 220 -15.80 6.22 13.84
C ARG A 220 -15.89 5.28 15.06
N ASP A 221 -16.81 4.31 15.05
CA ASP A 221 -17.26 3.57 16.26
C ASP A 221 -16.88 2.08 16.20
N ARG A 222 -17.01 1.45 15.02
CA ARG A 222 -17.09 -0.02 14.81
C ARG A 222 -18.50 -0.33 14.31
N LEU A 223 -19.49 0.27 14.98
CA LEU A 223 -20.94 0.20 14.63
C LEU A 223 -21.24 1.27 13.57
N ARG A 224 -20.33 2.24 13.39
CA ARG A 224 -20.52 3.42 12.51
C ARG A 224 -19.26 3.65 11.65
N ILE A 225 -19.36 3.29 10.36
CA ILE A 225 -18.33 3.56 9.31
C ILE A 225 -19.02 4.27 8.14
N ASN A 226 -18.67 5.54 7.91
CA ASN A 226 -19.21 6.37 6.82
C ASN A 226 -18.30 6.25 5.61
N ARG A 227 -18.87 6.03 4.43
CA ARG A 227 -18.14 5.78 3.16
C ARG A 227 -18.62 6.80 2.12
N PHE A 228 -17.68 7.50 1.48
CA PHE A 228 -17.98 8.53 0.46
C PHE A 228 -17.31 8.06 -0.83
N ALA A 229 -18.08 7.44 -1.73
CA ALA A 229 -17.59 7.06 -3.08
C ALA A 229 -16.93 8.31 -3.69
N TRP A 230 -15.85 8.17 -4.43
CA TRP A 230 -15.19 9.34 -5.09
C TRP A 230 -16.21 10.21 -5.83
N PRO A 231 -17.17 9.66 -6.63
CA PRO A 231 -18.17 10.50 -7.28
C PRO A 231 -18.88 11.48 -6.34
N LYS A 232 -19.18 11.07 -5.09
CA LYS A 232 -19.92 11.84 -4.06
C LYS A 232 -19.05 12.98 -3.52
N VAL A 233 -17.74 12.98 -3.78
CA VAL A 233 -16.77 13.97 -3.22
C VAL A 233 -16.56 15.06 -4.26
N LEU A 234 -17.01 16.29 -4.01
CA LEU A 234 -16.88 17.37 -5.04
C LEU A 234 -15.56 18.12 -4.88
N LYS A 235 -15.15 18.36 -3.64
CA LYS A 235 -13.95 19.19 -3.34
C LYS A 235 -13.32 18.70 -2.04
N ILE A 236 -11.99 18.74 -2.06
CA ILE A 236 -11.02 18.32 -0.99
C ILE A 236 -10.19 19.55 -0.66
N SER A 237 -9.98 19.88 0.60
CA SER A 237 -9.15 21.07 0.94
C SER A 237 -8.50 20.90 2.32
N TYR A 238 -7.44 21.66 2.57
CA TYR A 238 -6.80 21.70 3.89
C TYR A 238 -6.55 23.17 4.24
N LYS A 239 -6.56 23.46 5.52
CA LYS A 239 -6.23 24.83 5.98
C LYS A 239 -5.77 24.67 7.41
N ARG A 240 -4.53 25.11 7.70
CA ARG A 240 -3.90 24.96 9.03
C ARG A 240 -3.85 23.45 9.34
N ASN A 241 -4.46 23.01 10.45
CA ASN A 241 -4.46 21.61 10.93
C ASN A 241 -5.73 20.89 10.44
N ASN A 242 -6.49 21.52 9.56
CA ASN A 242 -7.84 20.99 9.21
C ASN A 242 -7.89 20.51 7.77
N PHE A 243 -8.70 19.48 7.59
CA PHE A 243 -8.93 18.82 6.31
C PHE A 243 -10.45 18.81 6.11
N TYR A 244 -10.90 19.22 4.94
CA TYR A 244 -12.34 19.44 4.62
C TYR A 244 -12.70 18.65 3.36
N ILE A 245 -13.83 17.97 3.42
CA ILE A 245 -14.44 17.44 2.16
C ILE A 245 -15.86 18.02 2.03
N LYS A 246 -16.14 18.35 0.78
CA LYS A 246 -17.44 18.87 0.26
C LYS A 246 -18.18 17.67 -0.35
N ILE A 247 -19.25 17.20 0.29
CA ILE A 247 -20.08 16.03 -0.14
C ILE A 247 -21.29 16.55 -0.94
N ARG A 248 -21.46 16.04 -2.16
CA ARG A 248 -22.49 16.49 -3.14
C ARG A 248 -23.86 16.52 -2.49
N PRO A 249 -24.78 17.37 -3.00
CA PRO A 249 -26.16 17.33 -2.56
C PRO A 249 -26.70 16.01 -3.14
N GLY A 250 -27.38 15.21 -2.33
CA GLY A 250 -28.30 14.18 -2.85
C GLY A 250 -29.35 14.84 -3.73
N GLU A 251 -29.81 14.16 -4.78
CA GLU A 251 -30.85 14.67 -5.71
C GLU A 251 -31.84 15.54 -4.91
N PHE A 252 -32.19 16.72 -5.43
CA PHE A 252 -33.27 17.60 -4.89
C PHE A 252 -32.87 18.38 -3.62
N GLU A 253 -31.61 18.31 -3.20
CA GLU A 253 -31.10 19.14 -2.08
C GLU A 253 -30.34 20.33 -2.69
N GLN A 254 -30.44 21.50 -2.05
CA GLN A 254 -29.98 22.79 -2.64
C GLN A 254 -28.45 22.90 -2.55
N PHE A 255 -27.83 22.32 -1.50
CA PHE A 255 -26.44 22.63 -1.07
C PHE A 255 -25.69 21.36 -0.66
N GLU A 256 -24.44 21.26 -1.14
CA GLU A 256 -23.39 20.35 -0.60
C GLU A 256 -23.28 20.47 0.92
N SER A 257 -22.86 19.40 1.61
CA SER A 257 -22.53 19.39 3.06
C SER A 257 -20.99 19.42 3.22
N THR A 258 -20.50 19.96 4.33
CA THR A 258 -19.04 20.02 4.61
C THR A 258 -18.79 19.18 5.84
N ILE A 259 -17.81 18.28 5.72
CA ILE A 259 -17.30 17.50 6.86
C ILE A 259 -15.86 17.95 7.09
N GLY A 260 -15.59 18.34 8.32
CA GLY A 260 -14.29 18.90 8.75
C GLY A 260 -13.61 17.92 9.65
N PHE A 261 -12.29 17.85 9.52
CA PHE A 261 -11.46 17.00 10.40
C PHE A 261 -10.25 17.80 10.88
N LYS A 262 -9.85 17.49 12.11
CA LYS A 262 -8.63 18.05 12.74
C LYS A 262 -7.53 17.02 12.63
N LEU A 263 -6.44 17.37 11.97
CA LEU A 263 -5.24 16.49 11.89
C LEU A 263 -4.24 16.95 12.94
N PRO A 264 -3.30 16.05 13.32
CA PRO A 264 -2.30 16.34 14.36
C PRO A 264 -1.51 17.63 14.11
N ASN A 265 -1.22 17.94 12.85
CA ASN A 265 -0.41 19.14 12.50
C ASN A 265 -0.70 19.45 11.05
N HIS A 266 -0.17 20.57 10.58
CA HIS A 266 -0.40 21.10 9.22
C HIS A 266 0.16 20.14 8.17
N ARG A 267 1.31 19.52 8.44
CA ARG A 267 1.95 18.63 7.45
C ARG A 267 1.08 17.39 7.26
N ALA A 268 0.51 16.87 8.35
CA ALA A 268 -0.39 15.69 8.32
C ALA A 268 -1.66 16.02 7.51
N ALA A 269 -2.16 17.26 7.60
CA ALA A 269 -3.35 17.69 6.85
C ALA A 269 -2.98 17.76 5.36
N LYS A 270 -1.83 18.33 5.01
CA LYS A 270 -1.43 18.50 3.58
C LYS A 270 -1.24 17.09 2.96
N ARG A 271 -0.59 16.19 3.69
CA ARG A 271 -0.28 14.81 3.26
C ARG A 271 -1.59 14.07 2.96
N LEU A 272 -2.56 14.18 3.84
CA LEU A 272 -3.90 13.54 3.62
C LEU A 272 -4.55 14.14 2.36
N TRP A 273 -4.53 15.47 2.24
CA TRP A 273 -5.08 16.17 1.07
C TRP A 273 -4.43 15.61 -0.20
N LYS A 274 -3.12 15.48 -0.24
CA LYS A 274 -2.40 15.12 -1.50
C LYS A 274 -2.72 13.67 -1.87
N VAL A 275 -2.73 12.77 -0.89
CA VAL A 275 -3.05 11.34 -1.17
C VAL A 275 -4.50 11.21 -1.63
N CYS A 276 -5.44 12.01 -1.12
CA CYS A 276 -6.85 12.00 -1.58
C CYS A 276 -6.95 12.49 -3.03
N VAL A 277 -6.33 13.63 -3.35
CA VAL A 277 -6.30 14.19 -4.74
C VAL A 277 -5.76 13.13 -5.68
N GLU A 278 -4.63 12.50 -5.33
CA GLU A 278 -3.94 11.52 -6.20
C GLU A 278 -4.85 10.29 -6.40
N HIS A 279 -5.46 9.77 -5.33
CA HIS A 279 -6.40 8.61 -5.45
C HIS A 279 -7.59 9.04 -6.31
N HIS A 280 -8.12 10.23 -6.09
CA HIS A 280 -9.32 10.72 -6.83
C HIS A 280 -9.01 10.75 -8.33
N THR A 281 -7.86 11.28 -8.69
CA THR A 281 -7.41 11.40 -10.11
C THR A 281 -7.22 10.01 -10.69
N PHE A 282 -6.46 9.17 -10.01
CA PHE A 282 -6.06 7.82 -10.48
C PHE A 282 -7.31 6.97 -10.73
N PHE A 283 -8.22 6.94 -9.77
CA PHE A 283 -9.35 5.98 -9.78
C PHE A 283 -10.54 6.60 -10.53
N ARG A 284 -10.47 7.87 -10.92
CA ARG A 284 -11.35 8.53 -11.93
C ARG A 284 -10.97 8.09 -13.36
N LEU A 285 -9.70 7.73 -13.60
CA LEU A 285 -9.18 7.39 -14.95
C LEU A 285 -9.21 5.88 -15.17
N LEU A 286 -8.91 5.08 -14.13
CA LEU A 286 -8.72 3.62 -14.25
C LEU A 286 -9.99 3.02 -14.87
N1 9KS B . -16.26 0.25 -0.38
C4 9KS B . -15.13 2.33 0.29
C5 9KS B . -15.09 3.71 0.36
C6 9KS B . -16.14 4.47 -0.16
C7 9KS B . -17.22 3.85 -0.77
C8 9KS B . -17.24 2.50 -0.84
C1 9KS B . -15.83 -0.30 2.00
C2 9KS B . -16.13 -0.71 0.63
O1 9KS B . -16.31 -1.92 0.40
C3 9KS B . -16.20 1.68 -0.30
O2 9KS B . -18.25 1.93 -1.51
S DMS C . 10.70 -4.26 3.04
O DMS C . 9.39 -4.29 2.27
C1 DMS C . 10.31 -3.59 4.65
C2 DMS C . 11.03 -5.93 3.55
S DMS D . -12.52 -1.59 0.61
O DMS D . -12.84 -0.84 -0.66
C1 DMS D . -10.87 -2.20 0.40
C2 DMS D . -12.18 -0.34 1.82
C1 EDO E . 3.07 -11.29 -19.56
O1 EDO E . 3.51 -11.25 -18.20
C2 EDO E . 1.84 -12.10 -19.76
O2 EDO E . 0.86 -12.01 -18.72
C1 EDO F . 3.76 0.98 3.58
O1 EDO F . 5.12 0.57 3.66
C2 EDO F . 3.39 1.50 2.24
O2 EDO F . 3.79 2.83 1.98
C1 EDO G . -2.44 1.46 8.66
O1 EDO G . -1.37 2.24 9.12
C2 EDO G . -2.45 1.27 7.18
O2 EDO G . -2.69 2.46 6.42
C1 EDO H . 9.55 -13.05 4.50
O1 EDO H . 10.29 -14.24 4.49
C2 EDO H . 8.34 -13.17 3.65
O2 EDO H . 7.25 -12.30 3.92
C1 EDO I . 7.79 21.48 12.47
O1 EDO I . 9.06 21.67 13.09
C2 EDO I . 7.87 20.77 11.16
O2 EDO I . 7.24 21.48 10.09
C1 EDO J . -1.61 -0.45 3.23
O1 EDO J . -0.28 -0.24 3.64
C2 EDO J . -2.08 0.55 2.24
O2 EDO J . -1.35 1.77 2.36
#